data_6XLO
#
_entry.id   6XLO
#
_cell.length_a   48.059
_cell.length_b   104.779
_cell.length_c   60.258
_cell.angle_alpha   90.000
_cell.angle_beta   109.690
_cell.angle_gamma   90.000
#
_symmetry.space_group_name_H-M   'P 1 21 1'
#
loop_
_entity.id
_entity.type
_entity.pdbx_description
1 polymer 'Serine/threonine-protein kinase B-raf'
2 non-polymer 3-(2-cyanopropan-2-yl)-N-[2-fluoro-4-methyl-5-(7-methyl-8-oxo-7,8-dihydropyrido[2,3-d]pyridazin-3-yl)phenyl]benzamide
3 non-polymer 'IODIDE ION'
4 water water
#
_entity_poly.entity_id   1
_entity_poly.type   'polypeptide(L)'
_entity_poly.pdbx_seq_one_letter_code
;MHHHHHGSRDSSDDWEIPDGQITVGQRIGSGSFGTVYKGKWHGDVAVKMLNVTAPTPQQLQAFKNEVGVLRKTRHVNILL
FMGYSTKPQLAIVTQWCEGSSLYKHLHASETKFEMKKLIDIARQTARGMDYLHAKSIIHRDLKSNNIFLHEDNTVKIGDF
GLATVKSRWSGSHQFEQLSGSILWMAPEVIRMQDSNPYSFQSDVYAFGIVLYELMTGQLPYSNINNRDQIIEMVGRGSLS
PDLSKVRSNCPKRMKRLMAECLKKKRDERPSFPRILAEIEELARELSG
;
_entity_poly.pdbx_strand_id   A,B
#
loop_
_chem_comp.id
_chem_comp.type
_chem_comp.name
_chem_comp.formula
IOD non-polymer 'IODIDE ION' 'I -1'
V5J non-polymer 3-(2-cyanopropan-2-yl)-N-[2-fluoro-4-methyl-5-(7-methyl-8-oxo-7,8-dihydropyrido[2,3-d]pyridazin-3-yl)phenyl]benzamide 'C26 H22 F N5 O2'
#
# COMPACT_ATOMS: atom_id res chain seq x y z
N ASP A 14 10.80 -9.76 11.89
CA ASP A 14 10.77 -11.04 11.18
C ASP A 14 9.63 -11.15 10.15
N TRP A 15 10.00 -11.32 8.87
CA TRP A 15 9.02 -11.40 7.78
C TRP A 15 8.83 -12.78 7.19
N GLU A 16 9.39 -13.81 7.83
CA GLU A 16 9.25 -15.17 7.38
C GLU A 16 7.85 -15.66 7.67
N ILE A 17 7.23 -16.26 6.66
CA ILE A 17 5.90 -16.83 6.70
C ILE A 17 6.08 -18.33 6.79
N PRO A 18 5.61 -18.96 7.87
CA PRO A 18 5.76 -20.42 8.02
C PRO A 18 5.09 -21.26 6.93
N ASP A 19 5.45 -22.55 6.85
CA ASP A 19 4.93 -23.48 5.85
C ASP A 19 3.48 -23.85 6.14
N GLY A 20 2.59 -23.59 5.19
CA GLY A 20 1.19 -23.96 5.29
C GLY A 20 0.22 -22.82 5.54
N GLN A 21 0.67 -21.59 5.34
CA GLN A 21 -0.18 -20.42 5.54
C GLN A 21 -0.64 -19.84 4.21
N ILE A 22 0.26 -19.82 3.22
CA ILE A 22 0.00 -19.30 1.89
C ILE A 22 -0.67 -20.33 1.01
N THR A 23 -1.86 -20.01 0.50
CA THR A 23 -2.56 -20.89 -0.42
C THR A 23 -2.14 -20.45 -1.82
N VAL A 24 -1.19 -21.17 -2.42
CA VAL A 24 -0.69 -20.85 -3.76
C VAL A 24 -1.75 -21.25 -4.78
N GLY A 25 -2.15 -20.30 -5.62
CA GLY A 25 -3.19 -20.54 -6.60
C GLY A 25 -2.74 -20.45 -8.04
N GLN A 26 -3.44 -19.62 -8.81
CA GLN A 26 -3.25 -19.42 -10.25
C GLN A 26 -1.86 -18.91 -10.67
N ARG A 27 -1.24 -19.59 -11.66
CA ARG A 27 0.06 -19.15 -12.18
C ARG A 27 -0.13 -17.94 -13.10
N ILE A 28 0.51 -16.85 -12.76
CA ILE A 28 0.37 -15.60 -13.49
C ILE A 28 1.44 -15.44 -14.57
N GLY A 29 2.65 -15.87 -14.26
CA GLY A 29 3.75 -15.77 -15.20
C GLY A 29 4.90 -16.67 -14.84
N SER A 30 5.68 -17.05 -15.82
CA SER A 30 6.83 -17.91 -15.62
C SER A 30 7.97 -17.45 -16.51
N GLY A 31 9.13 -17.30 -15.92
CA GLY A 31 10.33 -16.90 -16.65
C GLY A 31 11.48 -17.83 -16.37
N SER A 32 12.63 -17.50 -16.93
CA SER A 32 13.84 -18.29 -16.77
C SER A 32 14.39 -18.30 -15.34
N PHE A 33 13.99 -17.37 -14.48
CA PHE A 33 14.48 -17.30 -13.11
C PHE A 33 13.35 -17.13 -12.09
N GLY A 34 12.17 -17.69 -12.36
CA GLY A 34 11.05 -17.56 -11.42
C GLY A 34 9.63 -17.69 -11.95
N THR A 35 8.72 -18.15 -11.08
CA THR A 35 7.32 -18.33 -11.41
C THR A 35 6.45 -17.55 -10.42
N VAL A 36 5.66 -16.60 -10.91
CA VAL A 36 4.76 -15.82 -10.06
C VAL A 36 3.35 -16.45 -10.03
N TYR A 37 2.75 -16.48 -8.85
CA TYR A 37 1.44 -17.05 -8.63
C TYR A 37 0.55 -16.08 -7.87
N LYS A 38 -0.75 -16.11 -8.15
CA LYS A 38 -1.71 -15.39 -7.34
C LYS A 38 -1.96 -16.33 -6.13
N GLY A 39 -2.32 -15.76 -4.99
CA GLY A 39 -2.54 -16.58 -3.81
C GLY A 39 -3.32 -15.91 -2.70
N LYS A 40 -3.54 -16.67 -1.63
CA LYS A 40 -4.23 -16.17 -0.46
C LYS A 40 -3.34 -16.31 0.76
N TRP A 41 -3.33 -15.28 1.59
CA TRP A 41 -2.62 -15.18 2.86
C TRP A 41 -3.11 -13.88 3.44
N HIS A 42 -4.12 -13.94 4.33
CA HIS A 42 -4.77 -12.76 4.95
C HIS A 42 -5.24 -11.77 3.85
N GLY A 43 -5.75 -12.32 2.75
CA GLY A 43 -6.18 -11.56 1.60
C GLY A 43 -5.47 -12.02 0.34
N ASP A 44 -5.38 -11.15 -0.66
CA ASP A 44 -4.73 -11.47 -1.92
C ASP A 44 -3.24 -11.17 -1.91
N VAL A 45 -2.45 -12.13 -2.40
CA VAL A 45 -1.01 -11.97 -2.47
C VAL A 45 -0.48 -12.43 -3.83
N ALA A 46 0.75 -12.01 -4.15
CA ALA A 46 1.47 -12.48 -5.30
C ALA A 46 2.68 -13.20 -4.69
N VAL A 47 2.91 -14.44 -5.13
CA VAL A 47 4.02 -15.24 -4.60
C VAL A 47 5.00 -15.52 -5.72
N LYS A 48 6.27 -15.19 -5.49
CA LYS A 48 7.32 -15.43 -6.45
C LYS A 48 8.07 -16.65 -6.00
N MET A 49 8.07 -17.71 -6.80
CA MET A 49 8.76 -18.95 -6.46
C MET A 49 10.05 -19.03 -7.27
N LEU A 50 11.18 -19.11 -6.59
CA LEU A 50 12.49 -19.11 -7.26
C LEU A 50 13.12 -20.50 -7.34
N PRO A 55 17.40 -26.01 -3.94
CA PRO A 55 17.91 -24.65 -4.12
C PRO A 55 19.43 -24.61 -4.17
N THR A 56 19.96 -23.82 -5.09
CA THR A 56 21.40 -23.69 -5.25
C THR A 56 21.93 -22.45 -4.52
N PRO A 57 23.22 -22.43 -4.14
CA PRO A 57 23.76 -21.25 -3.46
C PRO A 57 23.63 -19.93 -4.24
N GLN A 58 23.60 -19.98 -5.60
CA GLN A 58 23.39 -18.76 -6.39
C GLN A 58 21.99 -18.25 -6.16
N GLN A 59 21.00 -19.16 -6.24
CA GLN A 59 19.60 -18.84 -6.00
C GLN A 59 19.35 -18.36 -4.57
N LEU A 60 20.12 -18.85 -3.63
CA LEU A 60 19.97 -18.52 -2.22
C LEU A 60 20.44 -17.11 -1.93
N GLN A 61 21.57 -16.71 -2.54
CA GLN A 61 22.14 -15.37 -2.38
C GLN A 61 21.24 -14.36 -3.08
N ALA A 62 20.79 -14.69 -4.29
CA ALA A 62 19.89 -13.85 -5.09
C ALA A 62 18.52 -13.67 -4.42
N PHE A 63 18.03 -14.70 -3.72
CA PHE A 63 16.75 -14.64 -3.00
C PHE A 63 16.89 -13.67 -1.83
N LYS A 64 17.95 -13.84 -1.02
CA LYS A 64 18.22 -12.99 0.14
C LYS A 64 18.55 -11.56 -0.23
N ASN A 65 19.13 -11.33 -1.41
CA ASN A 65 19.42 -9.99 -1.87
C ASN A 65 18.09 -9.30 -2.21
N GLU A 66 17.21 -10.00 -2.94
CA GLU A 66 15.91 -9.46 -3.32
C GLU A 66 15.02 -9.17 -2.11
N VAL A 67 15.04 -10.06 -1.09
CA VAL A 67 14.26 -9.86 0.15
C VAL A 67 14.84 -8.65 0.94
N GLY A 68 16.16 -8.47 0.91
CA GLY A 68 16.83 -7.37 1.58
C GLY A 68 16.53 -6.00 1.00
N VAL A 69 16.36 -5.92 -0.32
CA VAL A 69 16.05 -4.65 -0.98
C VAL A 69 14.58 -4.31 -0.78
N LEU A 70 13.69 -5.29 -0.98
CA LEU A 70 12.26 -5.09 -0.78
C LEU A 70 11.97 -4.71 0.69
N ARG A 71 12.68 -5.35 1.64
CA ARG A 71 12.55 -5.08 3.07
C ARG A 71 12.76 -3.59 3.38
N LYS A 72 13.55 -2.87 2.57
CA LYS A 72 13.85 -1.45 2.74
C LYS A 72 12.80 -0.51 2.18
N THR A 73 11.73 -1.03 1.55
CA THR A 73 10.73 -0.19 0.92
C THR A 73 9.36 -0.16 1.61
N ARG A 74 8.96 1.04 2.05
CA ARG A 74 7.66 1.31 2.66
C ARG A 74 7.15 2.61 2.03
N HIS A 75 6.54 2.49 0.84
CA HIS A 75 6.02 3.61 0.07
C HIS A 75 4.80 3.17 -0.71
N VAL A 76 3.81 4.05 -0.87
CA VAL A 76 2.59 3.73 -1.61
C VAL A 76 2.83 3.44 -3.08
N ASN A 77 3.85 4.07 -3.69
CA ASN A 77 4.12 3.87 -5.10
C ASN A 77 5.16 2.78 -5.40
N ILE A 78 5.47 1.96 -4.41
CA ILE A 78 6.40 0.86 -4.51
C ILE A 78 5.63 -0.39 -4.06
N LEU A 79 5.78 -1.50 -4.84
CA LEU A 79 5.14 -2.78 -4.57
C LEU A 79 5.39 -3.24 -3.15
N LEU A 80 4.31 -3.46 -2.41
CA LEU A 80 4.40 -3.85 -1.02
C LEU A 80 4.91 -5.27 -0.79
N PHE A 81 6.13 -5.38 -0.26
CA PHE A 81 6.67 -6.68 0.14
C PHE A 81 5.94 -7.03 1.45
N MET A 82 5.49 -8.26 1.55
CA MET A 82 4.75 -8.72 2.72
C MET A 82 5.49 -9.77 3.51
N GLY A 83 6.23 -10.63 2.84
CA GLY A 83 6.97 -11.68 3.52
C GLY A 83 7.78 -12.58 2.62
N TYR A 84 8.27 -13.66 3.17
CA TYR A 84 9.06 -14.62 2.42
C TYR A 84 8.97 -16.00 3.08
N SER A 85 9.27 -17.04 2.32
CA SER A 85 9.26 -18.40 2.83
C SER A 85 10.49 -19.14 2.33
N THR A 86 10.94 -20.13 3.09
CA THR A 86 12.10 -20.96 2.75
C THR A 86 11.63 -22.38 2.41
N LYS A 87 10.61 -22.89 3.13
CA LYS A 87 10.09 -24.25 2.95
C LYS A 87 8.67 -24.23 2.36
N PRO A 88 8.34 -25.17 1.45
CA PRO A 88 9.21 -26.20 0.85
C PRO A 88 10.07 -25.70 -0.32
N GLN A 89 10.03 -24.39 -0.61
CA GLN A 89 10.79 -23.73 -1.65
C GLN A 89 10.87 -22.22 -1.35
N LEU A 90 11.93 -21.56 -1.85
CA LEU A 90 12.12 -20.13 -1.64
C LEU A 90 10.98 -19.35 -2.28
N ALA A 91 10.34 -18.47 -1.52
CA ALA A 91 9.22 -17.70 -2.03
C ALA A 91 9.22 -16.28 -1.48
N ILE A 92 8.83 -15.31 -2.31
CA ILE A 92 8.73 -13.93 -1.88
C ILE A 92 7.28 -13.53 -2.04
N VAL A 93 6.66 -13.13 -0.94
CA VAL A 93 5.26 -12.74 -0.93
C VAL A 93 5.08 -11.23 -0.96
N THR A 94 4.40 -10.73 -1.98
CA THR A 94 4.08 -9.32 -2.06
C THR A 94 2.56 -9.14 -2.15
N GLN A 95 2.07 -7.89 -2.15
CA GLN A 95 0.66 -7.62 -2.33
C GLN A 95 0.24 -8.05 -3.75
N TRP A 96 -1.05 -8.28 -3.95
CA TRP A 96 -1.55 -8.60 -5.28
C TRP A 96 -1.79 -7.30 -6.02
N CYS A 97 -1.38 -7.24 -7.29
CA CYS A 97 -1.60 -6.08 -8.12
C CYS A 97 -2.72 -6.38 -9.10
N GLU A 98 -3.91 -5.80 -8.90
CA GLU A 98 -5.03 -6.03 -9.81
C GLU A 98 -4.99 -5.00 -10.94
N GLY A 99 -5.16 -5.43 -12.17
CA GLY A 99 -5.11 -4.53 -13.32
C GLY A 99 -4.04 -4.85 -14.33
N SER A 100 -3.40 -3.81 -14.90
CA SER A 100 -2.39 -4.00 -15.93
C SER A 100 -1.18 -3.07 -15.76
N SER A 101 -0.06 -3.43 -16.41
CA SER A 101 1.15 -2.62 -16.42
C SER A 101 0.95 -1.40 -17.37
N LEU A 102 1.82 -0.41 -17.27
CA LEU A 102 1.79 0.77 -18.13
C LEU A 102 2.02 0.36 -19.61
N TYR A 103 2.87 -0.68 -19.84
CA TYR A 103 3.16 -1.23 -21.18
C TYR A 103 1.90 -1.82 -21.79
N LYS A 104 1.09 -2.50 -20.98
CA LYS A 104 -0.16 -3.11 -21.42
C LYS A 104 -1.20 -2.05 -21.78
N HIS A 105 -1.24 -0.93 -21.04
CA HIS A 105 -2.20 0.14 -21.32
C HIS A 105 -1.83 0.92 -22.58
N LEU A 106 -0.58 1.37 -22.68
CA LEU A 106 -0.15 2.16 -23.85
C LEU A 106 0.01 1.37 -25.16
N HIS A 107 0.53 0.13 -25.09
CA HIS A 107 0.92 -0.60 -26.29
C HIS A 107 0.05 -1.82 -26.65
N ALA A 108 -0.69 -2.40 -25.69
CA ALA A 108 -1.56 -3.54 -26.00
C ALA A 108 -3.03 -3.10 -26.04
N SER A 109 -3.55 -2.51 -24.96
CA SER A 109 -4.91 -1.97 -24.95
C SER A 109 -4.95 -0.66 -25.77
N GLU A 110 -3.78 -0.01 -26.01
CA GLU A 110 -3.62 1.21 -26.79
C GLU A 110 -4.55 2.30 -26.23
N THR A 111 -4.81 2.31 -24.90
CA THR A 111 -5.74 3.27 -24.30
C THR A 111 -5.22 4.68 -24.38
N LYS A 112 -6.15 5.60 -24.61
CA LYS A 112 -5.86 7.01 -24.71
C LYS A 112 -6.23 7.69 -23.39
N PHE A 113 -5.27 7.76 -22.46
CA PHE A 113 -5.52 8.44 -21.19
C PHE A 113 -5.58 9.94 -21.40
N GLU A 114 -6.33 10.65 -20.55
CA GLU A 114 -6.36 12.10 -20.60
C GLU A 114 -5.00 12.65 -20.12
N MET A 115 -4.62 13.88 -20.54
CA MET A 115 -3.33 14.44 -20.13
C MET A 115 -3.16 14.54 -18.61
N LYS A 116 -4.27 14.77 -17.89
CA LYS A 116 -4.25 14.86 -16.43
C LYS A 116 -3.83 13.50 -15.84
N LYS A 117 -4.39 12.41 -16.38
CA LYS A 117 -4.09 11.05 -15.94
C LYS A 117 -2.66 10.66 -16.31
N LEU A 118 -2.14 11.15 -17.46
CA LEU A 118 -0.77 10.89 -17.89
C LEU A 118 0.22 11.56 -16.97
N ILE A 119 -0.04 12.82 -16.57
CA ILE A 119 0.82 13.55 -15.66
C ILE A 119 0.77 12.96 -14.25
N ASP A 120 -0.39 12.43 -13.84
CA ASP A 120 -0.54 11.78 -12.54
C ASP A 120 0.28 10.46 -12.45
N ILE A 121 0.28 9.63 -13.54
CA ILE A 121 1.07 8.39 -13.58
C ILE A 121 2.55 8.72 -13.44
N ALA A 122 3.02 9.77 -14.16
CA ALA A 122 4.40 10.24 -14.13
C ALA A 122 4.76 10.76 -12.73
N ARG A 123 3.83 11.50 -12.10
CA ARG A 123 3.99 12.02 -10.74
C ARG A 123 4.15 10.86 -9.74
N GLN A 124 3.25 9.86 -9.81
CA GLN A 124 3.32 8.71 -8.93
C GLN A 124 4.60 7.90 -9.17
N THR A 125 5.01 7.74 -10.43
CA THR A 125 6.25 7.03 -10.77
C THR A 125 7.48 7.80 -10.23
N ALA A 126 7.49 9.12 -10.33
CA ALA A 126 8.60 9.93 -9.82
C ALA A 126 8.66 9.92 -8.28
N ARG A 127 7.50 9.78 -7.61
CA ARG A 127 7.45 9.71 -6.15
C ARG A 127 8.13 8.41 -5.69
N GLY A 128 7.78 7.30 -6.35
CA GLY A 128 8.33 5.98 -6.07
C GLY A 128 9.81 5.92 -6.36
N MET A 129 10.23 6.50 -7.50
CA MET A 129 11.64 6.54 -7.88
C MET A 129 12.45 7.46 -6.99
N ASP A 130 11.86 8.59 -6.59
CA ASP A 130 12.45 9.56 -5.69
C ASP A 130 12.66 8.90 -4.33
N TYR A 131 11.67 8.11 -3.85
CA TYR A 131 11.77 7.40 -2.60
C TYR A 131 12.89 6.36 -2.67
N LEU A 132 12.92 5.55 -3.75
CA LEU A 132 13.95 4.54 -3.98
C LEU A 132 15.35 5.13 -3.92
N HIS A 133 15.60 6.25 -4.60
CA HIS A 133 16.93 6.87 -4.60
C HIS A 133 17.30 7.53 -3.25
N ALA A 134 16.31 7.86 -2.43
CA ALA A 134 16.55 8.38 -1.07
C ALA A 134 16.98 7.22 -0.14
N LYS A 135 16.49 6.00 -0.41
CA LYS A 135 16.84 4.78 0.32
C LYS A 135 18.08 4.08 -0.28
N SER A 136 18.82 4.76 -1.20
CA SER A 136 20.01 4.28 -1.91
C SER A 136 19.73 3.02 -2.72
N ILE A 137 18.56 2.96 -3.35
CA ILE A 137 18.16 1.82 -4.13
C ILE A 137 18.08 2.18 -5.60
N ILE A 138 18.92 1.56 -6.43
CA ILE A 138 18.87 1.77 -7.86
C ILE A 138 17.99 0.65 -8.42
N HIS A 139 16.95 1.01 -9.17
CA HIS A 139 16.03 0.04 -9.74
C HIS A 139 16.78 -0.87 -10.74
N ARG A 140 17.52 -0.26 -11.71
CA ARG A 140 18.28 -0.96 -12.75
C ARG A 140 17.44 -1.53 -13.90
N ASP A 141 16.11 -1.50 -13.77
CA ASP A 141 15.22 -2.05 -14.78
C ASP A 141 13.93 -1.25 -14.84
N LEU A 142 14.00 0.09 -14.69
CA LEU A 142 12.79 0.89 -14.81
C LEU A 142 12.31 0.86 -16.26
N LYS A 143 11.07 0.45 -16.45
CA LYS A 143 10.41 0.35 -17.75
C LYS A 143 8.89 0.33 -17.55
N SER A 144 8.11 0.60 -18.61
CA SER A 144 6.65 0.59 -18.50
C SER A 144 6.08 -0.77 -18.03
N ASN A 145 6.78 -1.88 -18.33
CA ASN A 145 6.39 -3.21 -17.87
C ASN A 145 6.43 -3.30 -16.35
N ASN A 146 7.39 -2.59 -15.72
CA ASN A 146 7.59 -2.56 -14.26
C ASN A 146 6.89 -1.41 -13.54
N ILE A 147 5.83 -0.86 -14.16
CA ILE A 147 5.04 0.21 -13.55
C ILE A 147 3.61 -0.28 -13.65
N PHE A 148 3.01 -0.67 -12.51
CA PHE A 148 1.67 -1.25 -12.51
C PHE A 148 0.60 -0.22 -12.20
N LEU A 149 -0.46 -0.19 -13.00
CA LEU A 149 -1.58 0.71 -12.77
C LEU A 149 -2.61 -0.11 -12.00
N HIS A 150 -2.28 -0.39 -10.72
CA HIS A 150 -3.07 -1.16 -9.77
C HIS A 150 -4.37 -0.41 -9.45
N GLU A 151 -5.53 -1.09 -9.60
CA GLU A 151 -6.89 -0.53 -9.46
C GLU A 151 -7.14 0.69 -10.41
N ASP A 152 -6.28 0.83 -11.45
CA ASP A 152 -6.29 1.88 -12.46
C ASP A 152 -6.12 3.30 -11.88
N ASN A 153 -5.65 3.42 -10.63
CA ASN A 153 -5.49 4.71 -9.98
C ASN A 153 -4.14 4.86 -9.30
N THR A 154 -3.68 3.82 -8.60
CA THR A 154 -2.41 3.87 -7.91
C THR A 154 -1.32 3.19 -8.73
N VAL A 155 -0.16 3.82 -8.79
CA VAL A 155 0.98 3.34 -9.52
C VAL A 155 1.86 2.56 -8.57
N LYS A 156 2.18 1.33 -8.93
CA LYS A 156 3.04 0.48 -8.13
C LYS A 156 4.27 0.14 -8.92
N ILE A 157 5.43 0.58 -8.46
CA ILE A 157 6.69 0.23 -9.09
C ILE A 157 7.22 -1.02 -8.39
N GLY A 158 7.50 -2.02 -9.18
CA GLY A 158 8.12 -3.24 -8.71
C GLY A 158 9.07 -3.75 -9.77
N ASP A 159 9.32 -5.05 -9.75
CA ASP A 159 10.15 -5.69 -10.75
C ASP A 159 9.47 -6.98 -11.07
N PHE A 160 8.47 -6.89 -11.93
CA PHE A 160 7.62 -8.02 -12.34
C PHE A 160 8.24 -8.95 -13.40
N GLY A 161 9.48 -8.66 -13.80
CA GLY A 161 10.21 -9.44 -14.78
C GLY A 161 10.76 -10.70 -14.17
N LEU A 162 10.68 -11.80 -14.91
CA LEU A 162 11.16 -13.08 -14.43
C LEU A 162 12.27 -13.68 -15.27
N ALA A 163 12.83 -12.91 -16.23
CA ALA A 163 13.89 -13.40 -17.12
C ALA A 163 15.31 -13.14 -16.62
N THR A 164 15.46 -12.23 -15.65
CA THR A 164 16.76 -11.91 -15.08
C THR A 164 16.79 -12.16 -13.58
N VAL A 165 17.99 -12.43 -13.08
CA VAL A 165 18.24 -12.67 -11.66
C VAL A 165 18.30 -11.34 -10.90
N LYS A 166 17.62 -11.26 -9.74
CA LYS A 166 17.60 -10.05 -8.92
C LYS A 166 18.79 -10.04 -7.95
N SER A 167 19.99 -9.75 -8.48
CA SER A 167 21.21 -9.71 -7.69
C SER A 167 21.75 -8.25 -7.53
N ARG A 168 22.81 -8.05 -6.71
CA ARG A 168 23.41 -6.72 -6.51
C ARG A 168 23.86 -6.14 -7.86
N TRP A 169 24.53 -6.95 -8.69
CA TRP A 169 24.99 -6.53 -10.01
C TRP A 169 24.98 -7.68 -11.01
N SER A 170 24.83 -7.34 -12.30
CA SER A 170 24.80 -8.31 -13.40
C SER A 170 26.15 -8.39 -14.11
N GLY A 171 26.40 -9.52 -14.76
CA GLY A 171 27.65 -9.75 -15.51
C GLY A 171 27.82 -8.83 -16.70
N GLN A 177 19.47 -11.84 -23.60
CA GLN A 177 18.18 -12.05 -22.94
C GLN A 177 17.64 -10.80 -22.22
N LEU A 178 18.18 -9.61 -22.54
CA LEU A 178 17.69 -8.35 -21.97
C LEU A 178 16.84 -7.55 -22.97
N SER A 179 16.38 -8.22 -24.07
CA SER A 179 15.59 -7.71 -25.19
C SER A 179 14.35 -6.92 -24.80
N GLY A 180 13.74 -7.27 -23.67
CA GLY A 180 12.57 -6.56 -23.17
C GLY A 180 12.93 -5.43 -22.23
N SER A 181 14.14 -4.87 -22.38
CA SER A 181 14.62 -3.78 -21.53
C SER A 181 15.58 -2.80 -22.24
N ILE A 182 16.07 -3.17 -23.45
CA ILE A 182 17.01 -2.39 -24.25
C ILE A 182 16.55 -0.95 -24.53
N LEU A 183 15.26 -0.73 -24.84
CA LEU A 183 14.75 0.60 -25.15
C LEU A 183 14.85 1.59 -24.00
N TRP A 184 15.01 1.12 -22.78
CA TRP A 184 15.13 1.95 -21.59
C TRP A 184 16.57 2.05 -21.07
N MET A 185 17.52 1.36 -21.72
CA MET A 185 18.92 1.38 -21.33
C MET A 185 19.60 2.65 -21.81
N ALA A 186 20.26 3.34 -20.88
CA ALA A 186 21.02 4.55 -21.15
C ALA A 186 22.26 4.19 -21.97
N PRO A 187 22.89 5.17 -22.63
CA PRO A 187 24.11 4.86 -23.40
C PRO A 187 25.21 4.16 -22.59
N GLU A 188 25.48 4.61 -21.36
CA GLU A 188 26.50 3.99 -20.50
C GLU A 188 26.13 2.61 -20.01
N VAL A 189 24.83 2.30 -19.93
CA VAL A 189 24.34 0.97 -19.54
C VAL A 189 24.55 -0.03 -20.69
N ILE A 190 24.47 0.44 -21.94
CA ILE A 190 24.74 -0.39 -23.09
C ILE A 190 26.26 -0.63 -23.25
N ARG A 191 27.09 0.42 -23.09
CA ARG A 191 28.55 0.33 -23.23
C ARG A 191 29.23 -0.62 -22.22
N PRO A 197 28.04 1.64 -14.43
CA PRO A 197 27.03 1.75 -15.49
C PRO A 197 25.66 2.03 -14.91
N TYR A 198 25.28 1.29 -13.84
CA TYR A 198 24.01 1.50 -13.16
C TYR A 198 24.16 2.52 -12.05
N SER A 199 23.39 3.59 -12.15
CA SER A 199 23.40 4.68 -11.19
C SER A 199 22.00 5.31 -11.09
N PHE A 200 21.85 6.38 -10.30
CA PHE A 200 20.58 7.09 -10.19
C PHE A 200 20.21 7.70 -11.55
N GLN A 201 21.22 8.23 -12.27
CA GLN A 201 21.11 8.85 -13.59
C GLN A 201 20.66 7.86 -14.69
N SER A 202 21.05 6.57 -14.59
CA SER A 202 20.59 5.57 -15.56
C SER A 202 19.11 5.23 -15.36
N ASP A 203 18.62 5.34 -14.09
CA ASP A 203 17.19 5.18 -13.77
C ASP A 203 16.43 6.39 -14.33
N VAL A 204 17.00 7.59 -14.22
CA VAL A 204 16.46 8.84 -14.72
C VAL A 204 16.30 8.73 -16.23
N TYR A 205 17.31 8.16 -16.94
CA TYR A 205 17.20 7.95 -18.39
C TYR A 205 16.01 7.06 -18.71
N ALA A 206 15.90 5.91 -18.01
CA ALA A 206 14.81 4.96 -18.19
C ALA A 206 13.47 5.62 -17.95
N PHE A 207 13.39 6.53 -16.97
CA PHE A 207 12.19 7.29 -16.65
C PHE A 207 11.83 8.24 -17.78
N GLY A 208 12.84 8.87 -18.40
CA GLY A 208 12.68 9.73 -19.56
C GLY A 208 12.08 8.97 -20.71
N ILE A 209 12.46 7.68 -20.87
CA ILE A 209 11.91 6.78 -21.87
C ILE A 209 10.44 6.53 -21.52
N VAL A 210 10.15 6.25 -20.25
CA VAL A 210 8.78 6.07 -19.78
C VAL A 210 7.93 7.33 -20.06
N LEU A 211 8.51 8.53 -19.90
CA LEU A 211 7.85 9.80 -20.22
C LEU A 211 7.56 9.90 -21.71
N TYR A 212 8.50 9.43 -22.54
CA TYR A 212 8.33 9.41 -23.99
C TYR A 212 7.16 8.48 -24.36
N GLU A 213 7.01 7.35 -23.66
CA GLU A 213 5.92 6.43 -23.90
C GLU A 213 4.59 7.06 -23.50
N LEU A 214 4.56 7.80 -22.38
CA LEU A 214 3.33 8.45 -21.93
C LEU A 214 2.93 9.59 -22.88
N MET A 215 3.93 10.35 -23.36
CA MET A 215 3.71 11.52 -24.20
C MET A 215 3.54 11.22 -25.67
N THR A 216 3.96 10.06 -26.14
CA THR A 216 3.77 9.68 -27.55
C THR A 216 2.80 8.51 -27.73
N GLY A 217 2.62 7.70 -26.68
CA GLY A 217 1.81 6.48 -26.74
C GLY A 217 2.52 5.32 -27.42
N GLN A 218 3.78 5.52 -27.83
CA GLN A 218 4.62 4.57 -28.56
C GLN A 218 5.95 4.31 -27.87
N LEU A 219 6.57 3.18 -28.21
CA LEU A 219 7.90 2.80 -27.76
C LEU A 219 8.91 3.56 -28.65
N PRO A 220 10.07 3.96 -28.10
CA PRO A 220 11.05 4.66 -28.94
C PRO A 220 11.68 3.75 -30.00
N TYR A 221 12.15 4.37 -31.11
CA TYR A 221 12.85 3.74 -32.22
C TYR A 221 12.02 2.72 -33.02
N SER A 222 10.74 3.01 -33.29
CA SER A 222 9.88 2.07 -34.01
C SER A 222 10.26 1.87 -35.46
N ASN A 223 10.99 2.81 -36.06
CA ASN A 223 11.40 2.69 -37.46
C ASN A 223 12.62 1.79 -37.65
N ILE A 224 13.46 1.64 -36.62
CA ILE A 224 14.65 0.81 -36.70
C ILE A 224 14.27 -0.67 -36.79
N ASN A 225 14.89 -1.42 -37.70
CA ASN A 225 14.53 -2.82 -37.93
C ASN A 225 15.31 -3.86 -37.13
N ASN A 226 16.45 -3.49 -36.51
CA ASN A 226 17.23 -4.46 -35.75
C ASN A 226 17.63 -3.95 -34.38
N ARG A 227 17.62 -4.84 -33.37
CA ARG A 227 18.00 -4.57 -32.00
C ARG A 227 19.48 -4.18 -31.89
N ASP A 228 20.33 -4.81 -32.72
CA ASP A 228 21.76 -4.52 -32.77
C ASP A 228 22.07 -3.12 -33.34
N GLN A 229 21.12 -2.53 -34.08
CA GLN A 229 21.27 -1.17 -34.60
C GLN A 229 20.99 -0.17 -33.46
N ILE A 230 20.00 -0.46 -32.60
CA ILE A 230 19.68 0.38 -31.45
C ILE A 230 20.83 0.29 -30.45
N ILE A 231 21.34 -0.93 -30.20
CA ILE A 231 22.45 -1.13 -29.26
C ILE A 231 23.69 -0.31 -29.67
N GLU A 232 24.09 -0.41 -30.93
CA GLU A 232 25.22 0.34 -31.48
C GLU A 232 24.97 1.88 -31.49
N MET A 233 23.86 2.35 -32.09
CA MET A 233 23.56 3.78 -32.18
C MET A 233 23.27 4.48 -30.83
N VAL A 234 22.49 3.88 -29.91
CA VAL A 234 22.21 4.51 -28.61
C VAL A 234 23.51 4.57 -27.81
N GLY A 235 24.24 3.45 -27.79
CA GLY A 235 25.52 3.33 -27.10
C GLY A 235 26.54 4.37 -27.52
N ARG A 236 26.64 4.66 -28.83
CA ARG A 236 27.58 5.66 -29.32
C ARG A 236 27.07 7.12 -29.26
N GLY A 237 25.87 7.33 -28.71
CA GLY A 237 25.28 8.65 -28.55
C GLY A 237 24.66 9.26 -29.79
N SER A 238 24.68 8.54 -30.91
CA SER A 238 24.11 9.04 -32.15
C SER A 238 22.60 8.73 -32.31
N LEU A 239 21.94 8.22 -31.25
CA LEU A 239 20.52 7.89 -31.33
C LEU A 239 19.82 8.21 -30.03
N SER A 240 18.67 8.85 -30.13
CA SER A 240 17.87 9.24 -28.96
C SER A 240 16.41 9.42 -29.42
N PRO A 241 15.41 9.24 -28.53
CA PRO A 241 14.01 9.38 -28.95
C PRO A 241 13.67 10.68 -29.68
N ASP A 242 12.70 10.61 -30.57
CA ASP A 242 12.28 11.77 -31.36
C ASP A 242 11.18 12.54 -30.64
N LEU A 243 11.55 13.66 -29.98
CA LEU A 243 10.60 14.47 -29.23
C LEU A 243 9.59 15.23 -30.10
N SER A 244 9.71 15.16 -31.42
CA SER A 244 8.70 15.77 -32.30
C SER A 244 7.46 14.86 -32.44
N LYS A 245 7.59 13.55 -32.08
CA LYS A 245 6.50 12.58 -32.12
C LYS A 245 5.54 12.68 -30.93
N VAL A 246 5.77 13.60 -29.98
CA VAL A 246 4.90 13.77 -28.82
C VAL A 246 3.52 14.33 -29.20
N ARG A 247 2.53 14.07 -28.34
CA ARG A 247 1.15 14.53 -28.48
C ARG A 247 1.12 16.06 -28.60
N SER A 248 0.15 16.61 -29.34
CA SER A 248 0.03 18.05 -29.52
C SER A 248 -0.24 18.77 -28.18
N ASN A 249 -1.06 18.15 -27.32
CA ASN A 249 -1.38 18.73 -26.02
C ASN A 249 -0.30 18.51 -24.96
N CYS A 250 0.87 17.94 -25.32
CA CYS A 250 1.97 17.71 -24.38
C CYS A 250 2.51 19.06 -23.91
N PRO A 251 2.63 19.24 -22.58
CA PRO A 251 3.10 20.53 -22.06
C PRO A 251 4.57 20.83 -22.36
N LYS A 252 4.91 22.12 -22.43
CA LYS A 252 6.28 22.57 -22.70
C LYS A 252 7.26 22.08 -21.63
N ARG A 253 6.87 22.14 -20.33
CA ARG A 253 7.71 21.67 -19.23
C ARG A 253 7.96 20.17 -19.33
N MET A 254 7.02 19.41 -19.91
CA MET A 254 7.17 17.97 -20.09
C MET A 254 8.15 17.65 -21.19
N LYS A 255 8.11 18.42 -22.29
CA LYS A 255 9.06 18.24 -23.39
C LYS A 255 10.50 18.47 -22.89
N ARG A 256 10.69 19.57 -22.13
CA ARG A 256 11.95 19.98 -21.53
C ARG A 256 12.43 18.94 -20.50
N LEU A 257 11.51 18.41 -19.70
CA LEU A 257 11.86 17.42 -18.68
C LEU A 257 12.40 16.13 -19.30
N MET A 258 11.70 15.59 -20.34
CA MET A 258 12.11 14.39 -21.07
C MET A 258 13.50 14.57 -21.64
N ALA A 259 13.77 15.75 -22.23
CA ALA A 259 15.04 16.08 -22.87
C ALA A 259 16.19 16.04 -21.90
N GLU A 260 15.99 16.52 -20.67
CA GLU A 260 17.01 16.53 -19.61
C GLU A 260 17.27 15.11 -19.08
N CYS A 261 16.21 14.31 -18.93
CA CYS A 261 16.33 12.93 -18.48
C CYS A 261 17.00 12.05 -19.56
N LEU A 262 16.84 12.39 -20.84
CA LEU A 262 17.43 11.61 -21.93
C LEU A 262 18.77 12.12 -22.46
N LYS A 263 19.50 12.91 -21.67
CA LYS A 263 20.80 13.43 -22.11
C LYS A 263 21.84 12.32 -22.21
N LYS A 264 22.76 12.45 -23.18
CA LYS A 264 23.83 11.48 -23.42
C LYS A 264 24.78 11.40 -22.23
N LYS A 265 25.18 12.57 -21.69
CA LYS A 265 26.07 12.63 -20.52
C LYS A 265 25.19 12.49 -19.28
N ARG A 266 25.43 11.45 -18.46
CA ARG A 266 24.62 11.15 -17.28
C ARG A 266 24.67 12.20 -16.20
N ASP A 267 25.76 12.98 -16.14
CA ASP A 267 25.87 14.05 -15.16
C ASP A 267 24.98 15.27 -15.50
N GLU A 268 24.55 15.39 -16.76
CA GLU A 268 23.63 16.45 -17.20
C GLU A 268 22.14 16.10 -16.95
N ARG A 269 21.85 14.90 -16.41
CA ARG A 269 20.49 14.44 -16.14
C ARG A 269 20.03 14.92 -14.77
N PRO A 270 18.76 15.33 -14.65
CA PRO A 270 18.28 15.79 -13.35
C PRO A 270 18.13 14.67 -12.34
N SER A 271 18.07 15.03 -11.05
CA SER A 271 17.84 14.05 -10.01
C SER A 271 16.32 13.90 -9.82
N PHE A 272 15.88 12.81 -9.18
CA PHE A 272 14.45 12.60 -8.98
C PHE A 272 13.77 13.69 -8.10
N PRO A 273 14.41 14.35 -7.08
CA PRO A 273 13.70 15.45 -6.39
C PRO A 273 13.26 16.54 -7.38
N ARG A 274 14.19 16.99 -8.25
CA ARG A 274 13.91 18.00 -9.27
C ARG A 274 12.89 17.50 -10.32
N ILE A 275 12.95 16.23 -10.69
CA ILE A 275 12.00 15.64 -11.65
C ILE A 275 10.59 15.67 -11.06
N LEU A 276 10.44 15.19 -9.81
CA LEU A 276 9.19 15.15 -9.08
C LEU A 276 8.60 16.55 -8.88
N ALA A 277 9.43 17.54 -8.52
CA ALA A 277 8.94 18.91 -8.32
C ALA A 277 8.52 19.60 -9.62
N GLU A 278 9.09 19.19 -10.75
CA GLU A 278 8.70 19.72 -12.06
C GLU A 278 7.36 19.10 -12.47
N ILE A 279 7.19 17.79 -12.24
CA ILE A 279 5.93 17.12 -12.56
C ILE A 279 4.81 17.59 -11.63
N GLU A 280 5.14 17.88 -10.36
CA GLU A 280 4.13 18.35 -9.41
C GLU A 280 3.72 19.78 -9.70
N GLU A 281 4.65 20.65 -10.14
CA GLU A 281 4.31 22.03 -10.53
C GLU A 281 3.50 22.04 -11.84
N LEU A 282 3.79 21.09 -12.73
CA LEU A 282 3.08 20.93 -14.00
C LEU A 282 1.66 20.41 -13.77
N ALA A 283 1.49 19.44 -12.85
CA ALA A 283 0.21 18.82 -12.54
C ALA A 283 -0.82 19.78 -11.95
N ARG A 284 -0.36 20.81 -11.24
CA ARG A 284 -1.25 21.81 -10.68
C ARG A 284 -1.63 22.85 -11.74
N GLU A 285 -0.72 23.15 -12.68
CA GLU A 285 -0.97 24.11 -13.76
C GLU A 285 -1.81 23.50 -14.90
N TRP B 15 14.37 2.89 9.79
CA TRP B 15 13.28 3.71 9.29
C TRP B 15 13.32 5.15 9.74
N GLU B 16 14.42 5.58 10.33
CA GLU B 16 14.58 6.94 10.80
C GLU B 16 14.77 7.87 9.61
N ILE B 17 14.00 8.95 9.59
CA ILE B 17 14.03 9.98 8.57
C ILE B 17 14.78 11.15 9.18
N PRO B 18 15.90 11.55 8.57
CA PRO B 18 16.68 12.68 9.12
C PRO B 18 15.94 14.02 9.16
N ASP B 19 16.49 14.99 9.91
CA ASP B 19 15.89 16.31 10.07
C ASP B 19 16.04 17.15 8.81
N GLY B 20 14.91 17.61 8.27
CA GLY B 20 14.90 18.49 7.10
C GLY B 20 14.44 17.84 5.82
N GLN B 21 13.82 16.67 5.89
CA GLN B 21 13.33 15.96 4.71
C GLN B 21 11.83 16.08 4.59
N ILE B 22 11.11 16.00 5.73
CA ILE B 22 9.67 16.09 5.80
C ILE B 22 9.19 17.53 5.84
N THR B 23 8.38 17.93 4.86
CA THR B 23 7.81 19.26 4.83
C THR B 23 6.46 19.16 5.55
N VAL B 24 6.43 19.55 6.83
CA VAL B 24 5.21 19.50 7.62
C VAL B 24 4.26 20.61 7.16
N GLY B 25 3.04 20.23 6.81
CA GLY B 25 2.06 21.17 6.31
C GLY B 25 0.85 21.37 7.17
N GLN B 26 -0.33 21.20 6.56
CA GLN B 26 -1.64 21.40 7.16
C GLN B 26 -1.96 20.52 8.39
N ARG B 27 -2.42 21.15 9.48
CA ARG B 27 -2.81 20.40 10.68
C ARG B 27 -4.18 19.75 10.45
N ILE B 28 -4.21 18.43 10.56
CA ILE B 28 -5.42 17.66 10.30
C ILE B 28 -6.23 17.42 11.57
N GLY B 29 -5.55 17.17 12.66
CA GLY B 29 -6.20 16.92 13.94
C GLY B 29 -5.27 17.09 15.11
N SER B 30 -5.83 17.40 16.26
CA SER B 30 -5.06 17.59 17.47
C SER B 30 -5.84 17.01 18.64
N GLY B 31 -5.17 16.20 19.43
CA GLY B 31 -5.73 15.59 20.61
C GLY B 31 -4.89 15.86 21.83
N SER B 32 -5.25 15.24 22.98
CA SER B 32 -4.51 15.47 24.20
C SER B 32 -3.07 15.01 24.13
N PHE B 33 -2.78 13.94 23.34
CA PHE B 33 -1.41 13.46 23.25
C PHE B 33 -0.92 13.24 21.82
N GLY B 34 -1.14 14.24 20.96
CA GLY B 34 -0.69 14.14 19.59
C GLY B 34 -1.34 15.07 18.59
N THR B 35 -0.56 15.58 17.64
CA THR B 35 -1.06 16.42 16.58
C THR B 35 -0.69 15.79 15.23
N VAL B 36 -1.68 15.48 14.40
CA VAL B 36 -1.44 14.92 13.08
C VAL B 36 -1.41 16.03 12.01
N TYR B 37 -0.47 15.93 11.08
CA TYR B 37 -0.30 16.90 10.03
C TYR B 37 -0.22 16.22 8.67
N LYS B 38 -0.70 16.88 7.62
CA LYS B 38 -0.48 16.42 6.26
C LYS B 38 0.94 16.93 5.93
N GLY B 39 1.63 16.25 5.03
CA GLY B 39 2.98 16.67 4.67
C GLY B 39 3.53 16.08 3.40
N LYS B 40 4.75 16.48 3.07
CA LYS B 40 5.43 15.97 1.91
C LYS B 40 6.74 15.33 2.31
N TRP B 41 7.05 14.19 1.71
CA TRP B 41 8.26 13.40 1.87
C TRP B 41 8.14 12.31 0.83
N HIS B 42 8.75 12.54 -0.37
CA HIS B 42 8.68 11.63 -1.52
C HIS B 42 7.20 11.34 -1.88
N GLY B 43 6.35 12.35 -1.76
CA GLY B 43 4.92 12.24 -1.99
C GLY B 43 4.15 12.71 -0.78
N ASP B 44 2.90 12.24 -0.62
CA ASP B 44 2.05 12.64 0.49
C ASP B 44 2.22 11.76 1.70
N VAL B 45 2.35 12.39 2.88
CA VAL B 45 2.51 11.67 4.13
C VAL B 45 1.60 12.27 5.22
N ALA B 46 1.40 11.51 6.28
CA ALA B 46 0.72 11.95 7.47
C ALA B 46 1.79 11.88 8.56
N VAL B 47 1.98 12.96 9.30
CA VAL B 47 3.00 13.01 10.34
C VAL B 47 2.32 13.18 11.69
N LYS B 48 2.64 12.30 12.63
CA LYS B 48 2.09 12.37 13.97
C LYS B 48 3.16 12.94 14.86
N MET B 49 2.91 14.10 15.45
CA MET B 49 3.88 14.75 16.34
C MET B 49 3.45 14.62 17.79
N LEU B 50 4.40 14.37 18.72
CA LEU B 50 4.07 14.29 20.15
C LEU B 50 4.10 15.66 20.82
N ALA B 54 9.89 19.57 26.14
CA ALA B 54 10.85 18.47 26.20
C ALA B 54 10.13 17.13 26.25
N PRO B 55 10.64 16.12 25.53
CA PRO B 55 9.99 14.79 25.58
C PRO B 55 10.24 14.10 26.91
N THR B 56 9.20 13.46 27.48
CA THR B 56 9.20 12.76 28.77
C THR B 56 9.59 11.27 28.58
N PRO B 57 10.31 10.60 29.52
CA PRO B 57 10.64 9.19 29.32
C PRO B 57 9.42 8.29 29.12
N GLN B 58 8.26 8.66 29.67
CA GLN B 58 7.04 7.90 29.47
C GLN B 58 6.61 8.01 27.99
N GLN B 59 6.69 9.23 27.44
CA GLN B 59 6.33 9.51 26.06
C GLN B 59 7.36 8.95 25.05
N LEU B 60 8.62 8.84 25.46
CA LEU B 60 9.67 8.24 24.67
C LEU B 60 9.41 6.73 24.52
N GLN B 61 8.96 6.08 25.61
CA GLN B 61 8.63 4.66 25.61
C GLN B 61 7.38 4.43 24.77
N ALA B 62 6.37 5.31 24.90
CA ALA B 62 5.12 5.24 24.14
C ALA B 62 5.36 5.47 22.63
N PHE B 63 6.33 6.32 22.27
CA PHE B 63 6.67 6.59 20.87
C PHE B 63 7.32 5.34 20.28
N LYS B 64 8.31 4.77 20.98
CA LYS B 64 9.02 3.57 20.54
C LYS B 64 8.14 2.34 20.51
N ASN B 65 7.11 2.27 21.37
CA ASN B 65 6.18 1.15 21.38
C ASN B 65 5.31 1.25 20.11
N GLU B 66 4.81 2.45 19.80
CA GLU B 66 3.99 2.67 18.61
C GLU B 66 4.77 2.42 17.31
N VAL B 67 6.04 2.83 17.24
CA VAL B 67 6.88 2.61 16.07
C VAL B 67 7.19 1.09 15.92
N GLY B 68 7.34 0.39 17.06
CA GLY B 68 7.62 -1.04 17.08
C GLY B 68 6.47 -1.91 16.59
N VAL B 69 5.23 -1.48 16.86
CA VAL B 69 4.05 -2.22 16.43
C VAL B 69 3.80 -1.96 14.94
N LEU B 70 3.87 -0.69 14.52
CA LEU B 70 3.69 -0.31 13.12
C LEU B 70 4.78 -0.91 12.22
N ARG B 71 6.02 -1.03 12.75
CA ARG B 71 7.15 -1.66 12.07
C ARG B 71 6.83 -3.12 11.67
N LYS B 72 5.96 -3.79 12.43
CA LYS B 72 5.57 -5.18 12.18
C LYS B 72 4.46 -5.35 11.15
N THR B 73 3.92 -4.26 10.59
CA THR B 73 2.80 -4.35 9.66
C THR B 73 3.12 -4.02 8.20
N ARG B 74 2.92 -5.00 7.32
CA ARG B 74 3.07 -4.87 5.88
C ARG B 74 1.85 -5.55 5.24
N HIS B 75 0.74 -4.83 5.16
CA HIS B 75 -0.53 -5.30 4.63
C HIS B 75 -1.26 -4.16 3.97
N VAL B 76 -1.98 -4.45 2.88
CA VAL B 76 -2.73 -3.43 2.15
C VAL B 76 -3.88 -2.82 2.97
N ASN B 77 -4.47 -3.59 3.88
CA ASN B 77 -5.58 -3.10 4.68
C ASN B 77 -5.17 -2.51 6.04
N ILE B 78 -3.88 -2.26 6.22
CA ILE B 78 -3.31 -1.69 7.42
C ILE B 78 -2.54 -0.45 6.98
N LEU B 79 -2.72 0.67 7.71
CA LEU B 79 -2.06 1.95 7.45
C LEU B 79 -0.57 1.77 7.32
N LEU B 80 -0.02 2.19 6.19
CA LEU B 80 1.38 2.03 5.91
C LEU B 80 2.30 2.95 6.70
N PHE B 81 3.04 2.37 7.64
CA PHE B 81 4.07 3.10 8.38
C PHE B 81 5.22 3.30 7.38
N MET B 82 5.75 4.51 7.33
CA MET B 82 6.82 4.84 6.42
C MET B 82 8.13 5.17 7.13
N GLY B 83 8.03 5.80 8.29
CA GLY B 83 9.23 6.16 9.03
C GLY B 83 8.97 6.86 10.34
N TYR B 84 10.02 7.41 10.92
CA TYR B 84 9.92 8.12 12.17
C TYR B 84 11.07 9.12 12.29
N SER B 85 10.91 10.12 13.14
CA SER B 85 11.94 11.12 13.39
C SER B 85 12.05 11.38 14.87
N THR B 86 13.24 11.79 15.31
CA THR B 86 13.51 12.12 16.70
C THR B 86 13.73 13.63 16.85
N LYS B 87 14.37 14.26 15.86
CA LYS B 87 14.70 15.69 15.88
C LYS B 87 13.87 16.46 14.83
N PRO B 88 13.41 17.68 15.17
CA PRO B 88 13.51 18.37 16.46
C PRO B 88 12.44 17.95 17.49
N GLN B 89 11.62 16.96 17.14
CA GLN B 89 10.57 16.39 17.97
C GLN B 89 10.19 14.99 17.47
N LEU B 90 9.70 14.13 18.37
CA LEU B 90 9.30 12.77 18.01
C LEU B 90 8.17 12.79 16.99
N ALA B 91 8.35 12.10 15.88
CA ALA B 91 7.34 12.08 14.83
C ALA B 91 7.21 10.72 14.20
N ILE B 92 6.00 10.32 13.83
CA ILE B 92 5.76 9.06 13.16
C ILE B 92 5.17 9.37 11.81
N VAL B 93 5.85 8.94 10.76
CA VAL B 93 5.42 9.20 9.40
C VAL B 93 4.73 8.00 8.78
N THR B 94 3.48 8.18 8.36
CA THR B 94 2.74 7.14 7.67
C THR B 94 2.29 7.67 6.30
N GLN B 95 1.66 6.81 5.48
CA GLN B 95 1.10 7.23 4.21
C GLN B 95 -0.05 8.22 4.47
N TRP B 96 -0.39 9.02 3.46
CA TRP B 96 -1.52 9.92 3.58
C TRP B 96 -2.78 9.16 3.22
N CYS B 97 -3.84 9.33 4.02
CA CYS B 97 -5.12 8.71 3.74
C CYS B 97 -6.08 9.75 3.17
N GLU B 98 -6.38 9.70 1.87
CA GLU B 98 -7.30 10.65 1.28
C GLU B 98 -8.73 10.11 1.39
N GLY B 99 -9.67 10.94 1.80
CA GLY B 99 -11.06 10.52 1.96
C GLY B 99 -11.60 10.67 3.36
N SER B 100 -12.42 9.69 3.81
CA SER B 100 -13.06 9.75 5.12
C SER B 100 -13.07 8.41 5.86
N SER B 101 -13.27 8.44 7.18
CA SER B 101 -13.41 7.24 8.00
C SER B 101 -14.80 6.59 7.77
N LEU B 102 -14.96 5.34 8.21
CA LEU B 102 -16.23 4.64 8.12
C LEU B 102 -17.30 5.35 8.97
N TYR B 103 -16.91 5.94 10.12
CA TYR B 103 -17.79 6.70 11.02
C TYR B 103 -18.35 7.93 10.30
N LYS B 104 -17.50 8.60 9.50
CA LYS B 104 -17.89 9.77 8.74
C LYS B 104 -18.87 9.42 7.62
N HIS B 105 -18.68 8.26 6.98
CA HIS B 105 -19.55 7.82 5.90
C HIS B 105 -20.93 7.33 6.38
N LEU B 106 -21.01 6.64 7.52
CA LEU B 106 -22.30 6.13 8.00
C LEU B 106 -23.07 7.11 8.87
N HIS B 107 -22.37 7.90 9.69
CA HIS B 107 -23.03 8.74 10.69
C HIS B 107 -22.99 10.25 10.45
N ALA B 108 -21.89 10.81 9.91
CA ALA B 108 -21.83 12.25 9.64
C ALA B 108 -22.55 12.50 8.27
N SER B 109 -22.00 11.99 7.16
CA SER B 109 -22.63 11.99 5.87
C SER B 109 -23.37 10.67 5.94
N GLU B 110 -24.69 10.69 5.79
CA GLU B 110 -25.47 9.46 5.89
C GLU B 110 -25.44 8.67 4.57
N THR B 111 -24.22 8.37 4.06
CA THR B 111 -24.01 7.64 2.81
C THR B 111 -24.61 6.26 2.92
N LYS B 112 -25.54 5.94 2.01
CA LYS B 112 -26.18 4.63 1.99
C LYS B 112 -25.51 3.76 0.91
N PHE B 113 -24.42 3.09 1.27
CA PHE B 113 -23.66 2.20 0.39
C PHE B 113 -24.51 1.02 -0.04
N GLU B 114 -24.21 0.46 -1.23
CA GLU B 114 -24.89 -0.75 -1.68
C GLU B 114 -24.41 -1.94 -0.84
N MET B 115 -25.23 -3.00 -0.75
CA MET B 115 -24.86 -4.16 0.07
C MET B 115 -23.52 -4.80 -0.35
N LYS B 116 -23.19 -4.76 -1.65
CA LYS B 116 -21.92 -5.29 -2.17
C LYS B 116 -20.75 -4.48 -1.61
N LYS B 117 -20.89 -3.16 -1.54
CA LYS B 117 -19.87 -2.26 -1.00
C LYS B 117 -19.73 -2.43 0.52
N LEU B 118 -20.85 -2.71 1.21
CA LEU B 118 -20.85 -2.94 2.66
C LEU B 118 -20.12 -4.22 3.02
N ILE B 119 -20.37 -5.29 2.25
CA ILE B 119 -19.70 -6.58 2.46
C ILE B 119 -18.21 -6.48 2.10
N ASP B 120 -17.85 -5.66 1.10
CA ASP B 120 -16.47 -5.46 0.72
C ASP B 120 -15.67 -4.71 1.82
N ILE B 121 -16.26 -3.69 2.47
CA ILE B 121 -15.60 -2.95 3.56
C ILE B 121 -15.33 -3.90 4.71
N ALA B 122 -16.31 -4.76 5.05
CA ALA B 122 -16.21 -5.77 6.11
C ALA B 122 -15.13 -6.80 5.77
N ARG B 123 -15.07 -7.22 4.50
CA ARG B 123 -14.07 -8.16 4.00
C ARG B 123 -12.66 -7.56 4.15
N GLN B 124 -12.48 -6.32 3.69
CA GLN B 124 -11.20 -5.65 3.80
C GLN B 124 -10.81 -5.43 5.27
N THR B 125 -11.76 -5.06 6.13
CA THR B 125 -11.51 -4.89 7.56
C THR B 125 -11.11 -6.22 8.21
N ALA B 126 -11.77 -7.33 7.84
CA ALA B 126 -11.43 -8.65 8.39
C ALA B 126 -10.07 -9.14 7.91
N ARG B 127 -9.65 -8.75 6.70
CA ARG B 127 -8.34 -9.12 6.16
C ARG B 127 -7.25 -8.45 7.00
N GLY B 128 -7.43 -7.16 7.28
CA GLY B 128 -6.50 -6.36 8.07
C GLY B 128 -6.44 -6.85 9.51
N MET B 129 -7.60 -7.16 10.08
CA MET B 129 -7.66 -7.67 11.46
C MET B 129 -7.12 -9.09 11.57
N ASP B 130 -7.38 -9.91 10.55
CA ASP B 130 -6.88 -11.27 10.47
C ASP B 130 -5.35 -11.23 10.37
N TYR B 131 -4.80 -10.29 9.58
CA TYR B 131 -3.35 -10.12 9.44
C TYR B 131 -2.75 -9.70 10.78
N LEU B 132 -3.36 -8.68 11.45
CA LEU B 132 -2.91 -8.19 12.74
C LEU B 132 -2.84 -9.30 13.78
N HIS B 133 -3.87 -10.14 13.89
CA HIS B 133 -3.86 -11.24 14.86
C HIS B 133 -2.88 -12.38 14.52
N ALA B 134 -2.50 -12.49 13.24
CA ALA B 134 -1.47 -13.46 12.83
C ALA B 134 -0.07 -12.95 13.24
N LYS B 135 0.11 -11.62 13.28
CA LYS B 135 1.35 -10.97 13.73
C LYS B 135 1.36 -10.71 15.25
N SER B 136 0.41 -11.32 16.01
CA SER B 136 0.22 -11.19 17.45
C SER B 136 -0.01 -9.75 17.88
N ILE B 137 -0.76 -9.01 17.09
CA ILE B 137 -1.07 -7.61 17.36
C ILE B 137 -2.53 -7.43 17.69
N ILE B 138 -2.82 -6.99 18.91
CA ILE B 138 -4.18 -6.69 19.30
C ILE B 138 -4.39 -5.19 19.07
N HIS B 139 -5.41 -4.83 18.30
CA HIS B 139 -5.69 -3.43 18.00
C HIS B 139 -6.03 -2.66 19.29
N ARG B 140 -7.01 -3.19 20.09
CA ARG B 140 -7.47 -2.60 21.35
C ARG B 140 -8.40 -1.38 21.18
N ASP B 141 -8.54 -0.87 19.95
CA ASP B 141 -9.38 0.29 19.70
C ASP B 141 -10.03 0.19 18.32
N LEU B 142 -10.46 -1.03 17.92
CA LEU B 142 -11.15 -1.17 16.64
C LEU B 142 -12.51 -0.48 16.74
N LYS B 143 -12.75 0.45 15.83
CA LYS B 143 -13.98 1.23 15.74
C LYS B 143 -14.10 1.82 14.35
N SER B 144 -15.32 2.25 13.94
CA SER B 144 -15.52 2.85 12.62
C SER B 144 -14.63 4.10 12.36
N ASN B 145 -14.28 4.84 13.42
CA ASN B 145 -13.38 6.00 13.34
C ASN B 145 -12.00 5.58 12.87
N ASN B 146 -11.55 4.37 13.27
CA ASN B 146 -10.25 3.80 12.94
C ASN B 146 -10.24 2.90 11.71
N ILE B 147 -11.22 3.07 10.82
CA ILE B 147 -11.30 2.30 9.58
C ILE B 147 -11.46 3.37 8.49
N PHE B 148 -10.41 3.57 7.68
CA PHE B 148 -10.42 4.62 6.67
C PHE B 148 -10.80 4.10 5.30
N LEU B 149 -11.71 4.81 4.63
CA LEU B 149 -12.11 4.42 3.28
C LEU B 149 -11.29 5.30 2.34
N HIS B 150 -9.98 5.00 2.29
CA HIS B 150 -8.96 5.68 1.49
C HIS B 150 -9.26 5.48 0.01
N GLU B 151 -9.32 6.59 -0.78
CA GLU B 151 -9.71 6.60 -2.21
C GLU B 151 -11.12 6.01 -2.46
N ASP B 152 -11.93 5.86 -1.37
CA ASP B 152 -13.29 5.29 -1.35
C ASP B 152 -13.36 3.83 -1.84
N ASN B 153 -12.21 3.14 -1.89
CA ASN B 153 -12.15 1.77 -2.39
C ASN B 153 -11.34 0.86 -1.50
N THR B 154 -10.15 1.31 -1.03
CA THR B 154 -9.33 0.49 -0.15
C THR B 154 -9.45 0.91 1.31
N VAL B 155 -9.69 -0.07 2.18
CA VAL B 155 -9.88 0.09 3.60
C VAL B 155 -8.53 0.07 4.29
N LYS B 156 -8.26 1.09 5.08
CA LYS B 156 -7.03 1.20 5.82
C LYS B 156 -7.32 1.23 7.30
N ILE B 157 -6.87 0.21 8.03
CA ILE B 157 -7.03 0.18 9.46
C ILE B 157 -5.78 0.79 10.07
N GLY B 158 -5.99 1.78 10.91
CA GLY B 158 -4.94 2.42 11.67
C GLY B 158 -5.47 2.77 13.03
N ASP B 159 -4.86 3.76 13.67
CA ASP B 159 -5.30 4.28 14.95
C ASP B 159 -5.16 5.76 14.85
N PHE B 160 -6.17 6.40 14.26
CA PHE B 160 -6.22 7.84 14.00
C PHE B 160 -6.64 8.69 15.24
N GLY B 161 -6.84 8.05 16.38
CA GLY B 161 -7.22 8.71 17.62
C GLY B 161 -6.02 9.36 18.28
N LEU B 162 -6.21 10.56 18.84
CA LEU B 162 -5.12 11.30 19.46
C LEU B 162 -5.31 11.59 20.94
N SER B 181 -15.11 5.52 22.30
CA SER B 181 -14.72 4.13 22.09
C SER B 181 -15.56 3.10 22.86
N ILE B 182 -16.36 3.56 23.84
CA ILE B 182 -17.19 2.74 24.72
C ILE B 182 -18.14 1.80 23.96
N LEU B 183 -18.77 2.27 22.88
CA LEU B 183 -19.73 1.45 22.11
C LEU B 183 -19.13 0.21 21.48
N TRP B 184 -17.81 0.18 21.34
CA TRP B 184 -17.09 -0.96 20.75
C TRP B 184 -16.38 -1.82 21.81
N MET B 185 -16.46 -1.45 23.09
CA MET B 185 -15.83 -2.17 24.17
C MET B 185 -16.66 -3.40 24.56
N ALA B 186 -15.99 -4.55 24.59
CA ALA B 186 -16.55 -5.85 24.96
C ALA B 186 -16.92 -5.86 26.44
N PRO B 187 -17.87 -6.70 26.87
CA PRO B 187 -18.22 -6.74 28.31
C PRO B 187 -17.02 -6.83 29.27
N GLU B 188 -16.05 -7.69 28.96
CA GLU B 188 -14.85 -7.84 29.79
C GLU B 188 -13.94 -6.62 29.77
N VAL B 189 -13.89 -5.90 28.64
CA VAL B 189 -13.07 -4.69 28.51
C VAL B 189 -13.72 -3.57 29.32
N ILE B 190 -15.06 -3.46 29.26
CA ILE B 190 -15.84 -2.46 29.98
C ILE B 190 -15.73 -2.65 31.50
N ARG B 191 -15.61 -3.90 31.96
CA ARG B 191 -15.47 -4.17 33.39
C ARG B 191 -14.05 -3.84 33.83
N MET B 192 -13.91 -3.07 34.91
CA MET B 192 -12.60 -2.71 35.45
C MET B 192 -12.08 -3.91 36.23
N GLN B 193 -11.43 -4.85 35.55
CA GLN B 193 -10.95 -6.07 36.17
C GLN B 193 -9.50 -5.99 36.65
N ASP B 194 -9.13 -6.93 37.52
CA ASP B 194 -7.75 -7.07 37.98
C ASP B 194 -6.83 -7.68 36.89
N SER B 195 -7.41 -8.20 35.78
CA SER B 195 -6.69 -8.81 34.66
C SER B 195 -6.80 -7.95 33.40
N ASN B 196 -5.89 -8.15 32.43
CA ASN B 196 -5.90 -7.45 31.14
C ASN B 196 -7.06 -8.01 30.32
N PRO B 197 -8.05 -7.17 29.99
CA PRO B 197 -9.21 -7.68 29.26
C PRO B 197 -9.06 -7.71 27.75
N TYR B 198 -7.97 -7.14 27.21
CA TYR B 198 -7.72 -7.02 25.79
C TYR B 198 -7.14 -8.29 25.20
N SER B 199 -7.82 -8.83 24.21
CA SER B 199 -7.45 -10.07 23.55
C SER B 199 -7.91 -10.04 22.08
N PHE B 200 -7.70 -11.14 21.34
CA PHE B 200 -8.17 -11.23 19.96
C PHE B 200 -9.69 -11.16 19.93
N GLN B 201 -10.35 -11.82 20.89
CA GLN B 201 -11.80 -11.89 21.07
C GLN B 201 -12.45 -10.52 21.37
N SER B 202 -11.72 -9.62 22.08
CA SER B 202 -12.24 -8.28 22.33
C SER B 202 -12.22 -7.42 21.05
N ASP B 203 -11.26 -7.69 20.14
CA ASP B 203 -11.19 -7.06 18.82
C ASP B 203 -12.34 -7.58 17.96
N VAL B 204 -12.65 -8.88 18.06
CA VAL B 204 -13.73 -9.55 17.37
C VAL B 204 -15.04 -8.91 17.78
N TYR B 205 -15.23 -8.64 19.10
CA TYR B 205 -16.43 -7.96 19.58
C TYR B 205 -16.57 -6.59 18.93
N ALA B 206 -15.49 -5.79 18.96
CA ALA B 206 -15.46 -4.45 18.35
C ALA B 206 -15.80 -4.51 16.88
N PHE B 207 -15.34 -5.56 16.17
CA PHE B 207 -15.61 -5.79 14.77
C PHE B 207 -17.09 -6.09 14.55
N GLY B 208 -17.70 -6.87 15.47
CA GLY B 208 -19.12 -7.17 15.45
C GLY B 208 -19.93 -5.89 15.57
N ILE B 209 -19.45 -4.92 16.37
CA ILE B 209 -20.05 -3.60 16.52
C ILE B 209 -19.93 -2.88 15.19
N VAL B 210 -18.75 -2.92 14.57
CA VAL B 210 -18.52 -2.33 13.24
C VAL B 210 -19.49 -2.94 12.20
N LEU B 211 -19.75 -4.26 12.28
CA LEU B 211 -20.71 -4.96 11.41
C LEU B 211 -22.13 -4.46 11.66
N TYR B 212 -22.47 -4.20 12.93
CA TYR B 212 -23.76 -3.64 13.30
C TYR B 212 -23.93 -2.25 12.69
N GLU B 213 -22.86 -1.45 12.67
CA GLU B 213 -22.90 -0.12 12.08
C GLU B 213 -23.09 -0.21 10.56
N LEU B 214 -22.44 -1.18 9.91
CA LEU B 214 -22.56 -1.35 8.46
C LEU B 214 -23.97 -1.85 8.10
N MET B 215 -24.52 -2.76 8.90
CA MET B 215 -25.81 -3.39 8.65
C MET B 215 -27.01 -2.62 9.11
N THR B 216 -26.84 -1.66 10.02
CA THR B 216 -27.95 -0.82 10.47
C THR B 216 -27.80 0.65 10.05
N GLY B 217 -26.57 1.08 9.77
CA GLY B 217 -26.27 2.47 9.45
C GLY B 217 -26.22 3.38 10.68
N GLN B 218 -26.42 2.79 11.88
CA GLN B 218 -26.49 3.48 13.16
C GLN B 218 -25.49 2.91 14.18
N LEU B 219 -25.18 3.71 15.20
CA LEU B 219 -24.34 3.33 16.32
C LEU B 219 -25.25 2.54 17.28
N PRO B 220 -24.70 1.53 17.99
CA PRO B 220 -25.54 0.77 18.95
C PRO B 220 -25.95 1.60 20.15
N TYR B 221 -27.09 1.22 20.77
CA TYR B 221 -27.66 1.81 21.98
C TYR B 221 -28.08 3.29 21.85
N SER B 222 -28.71 3.67 20.73
CA SER B 222 -29.14 5.06 20.54
C SER B 222 -30.27 5.51 21.45
N ASN B 223 -31.03 4.56 22.01
CA ASN B 223 -32.13 4.90 22.91
C ASN B 223 -31.67 5.21 24.34
N ILE B 224 -30.51 4.68 24.75
CA ILE B 224 -29.98 4.91 26.08
C ILE B 224 -29.53 6.36 26.24
N ASN B 225 -29.90 7.00 27.36
CA ASN B 225 -29.59 8.41 27.56
C ASN B 225 -28.29 8.72 28.30
N ASN B 226 -27.64 7.74 28.94
CA ASN B 226 -26.39 7.99 29.65
C ASN B 226 -25.32 6.95 29.37
N ARG B 227 -24.05 7.41 29.28
CA ARG B 227 -22.88 6.57 29.04
C ARG B 227 -22.65 5.59 30.18
N ASP B 228 -22.93 6.01 31.43
CA ASP B 228 -22.79 5.14 32.59
C ASP B 228 -23.82 4.01 32.61
N GLN B 229 -24.94 4.15 31.89
CA GLN B 229 -25.94 3.10 31.77
C GLN B 229 -25.44 2.04 30.81
N ILE B 230 -24.76 2.43 29.72
CA ILE B 230 -24.16 1.48 28.78
C ILE B 230 -23.02 0.74 29.48
N ILE B 231 -22.19 1.47 30.24
CA ILE B 231 -21.10 0.93 31.02
C ILE B 231 -21.61 -0.11 32.05
N GLU B 232 -22.70 0.21 32.77
CA GLU B 232 -23.27 -0.73 33.75
C GLU B 232 -23.93 -1.96 33.08
N MET B 233 -24.79 -1.75 32.06
CA MET B 233 -25.53 -2.82 31.39
C MET B 233 -24.70 -3.72 30.46
N VAL B 234 -23.78 -3.16 29.67
CA VAL B 234 -22.92 -3.98 28.79
C VAL B 234 -21.99 -4.86 29.62
N GLY B 235 -21.45 -4.30 30.69
CA GLY B 235 -20.56 -5.00 31.61
C GLY B 235 -21.24 -6.15 32.31
N ARG B 236 -22.48 -5.94 32.82
CA ARG B 236 -23.20 -7.03 33.49
C ARG B 236 -23.84 -8.07 32.53
N GLY B 237 -23.61 -7.91 31.23
CA GLY B 237 -24.11 -8.83 30.20
C GLY B 237 -25.58 -8.69 29.85
N SER B 238 -26.27 -7.72 30.46
CA SER B 238 -27.69 -7.51 30.18
C SER B 238 -27.95 -6.58 29.00
N LEU B 239 -26.91 -6.19 28.23
CA LEU B 239 -27.09 -5.27 27.11
C LEU B 239 -26.23 -5.65 25.95
N SER B 240 -26.81 -5.68 24.76
CA SER B 240 -26.14 -6.03 23.51
C SER B 240 -26.91 -5.41 22.33
N PRO B 241 -26.24 -5.11 21.21
CA PRO B 241 -26.96 -4.50 20.07
C PRO B 241 -28.23 -5.23 19.63
N ASP B 242 -29.19 -4.47 19.12
CA ASP B 242 -30.46 -5.02 18.67
C ASP B 242 -30.39 -5.43 17.20
N LEU B 243 -30.21 -6.74 16.95
CA LEU B 243 -30.10 -7.26 15.58
C LEU B 243 -31.40 -7.21 14.78
N SER B 244 -32.52 -6.78 15.37
CA SER B 244 -33.75 -6.58 14.61
C SER B 244 -33.73 -5.22 13.86
N LYS B 245 -32.83 -4.30 14.24
CA LYS B 245 -32.66 -3.00 13.61
C LYS B 245 -31.86 -3.05 12.30
N VAL B 246 -31.37 -4.24 11.88
CA VAL B 246 -30.60 -4.38 10.65
C VAL B 246 -31.44 -4.13 9.40
N ARG B 247 -30.78 -3.76 8.30
CA ARG B 247 -31.37 -3.51 6.98
C ARG B 247 -32.14 -4.75 6.51
N SER B 248 -33.22 -4.56 5.75
CA SER B 248 -34.01 -5.67 5.24
C SER B 248 -33.19 -6.57 4.31
N ASN B 249 -32.33 -5.97 3.48
CA ASN B 249 -31.49 -6.74 2.56
C ASN B 249 -30.25 -7.35 3.20
N CYS B 250 -30.09 -7.25 4.54
CA CYS B 250 -28.94 -7.83 5.24
C CYS B 250 -28.99 -9.35 5.12
N PRO B 251 -27.87 -9.97 4.70
CA PRO B 251 -27.88 -11.43 4.53
C PRO B 251 -27.98 -12.22 5.83
N LYS B 252 -28.52 -13.44 5.75
CA LYS B 252 -28.68 -14.31 6.90
C LYS B 252 -27.33 -14.68 7.56
N ARG B 253 -26.29 -14.97 6.73
CA ARG B 253 -24.95 -15.27 7.24
C ARG B 253 -24.35 -14.07 7.97
N MET B 254 -24.73 -12.83 7.57
CA MET B 254 -24.24 -11.63 8.22
C MET B 254 -24.89 -11.44 9.57
N LYS B 255 -26.18 -11.73 9.70
CA LYS B 255 -26.89 -11.63 10.97
C LYS B 255 -26.25 -12.60 11.98
N ARG B 256 -26.03 -13.86 11.54
CA ARG B 256 -25.41 -14.92 12.32
C ARG B 256 -23.96 -14.58 12.69
N LEU B 257 -23.21 -13.98 11.77
CA LEU B 257 -21.82 -13.62 12.02
C LEU B 257 -21.71 -12.56 13.12
N MET B 258 -22.52 -11.48 13.03
CA MET B 258 -22.57 -10.40 14.03
C MET B 258 -22.88 -10.98 15.41
N ALA B 259 -23.84 -11.91 15.48
CA ALA B 259 -24.29 -12.52 16.73
C ALA B 259 -23.18 -13.29 17.41
N GLU B 260 -22.35 -14.00 16.64
CA GLU B 260 -21.22 -14.77 17.16
C GLU B 260 -20.09 -13.85 17.65
N CYS B 261 -19.83 -12.76 16.91
CA CYS B 261 -18.81 -11.78 17.30
C CYS B 261 -19.25 -10.98 18.53
N LEU B 262 -20.57 -10.80 18.74
CA LEU B 262 -21.07 -10.04 19.89
C LEU B 262 -21.49 -10.89 21.09
N LYS B 263 -20.97 -12.12 21.22
CA LYS B 263 -21.32 -12.98 22.35
C LYS B 263 -20.74 -12.45 23.65
N LYS B 264 -21.44 -12.63 24.77
CA LYS B 264 -20.96 -12.18 26.07
C LYS B 264 -19.69 -12.93 26.46
N LYS B 265 -19.70 -14.27 26.35
CA LYS B 265 -18.52 -15.07 26.69
C LYS B 265 -17.55 -14.94 25.52
N ARG B 266 -16.34 -14.42 25.76
CA ARG B 266 -15.32 -14.18 24.73
C ARG B 266 -14.80 -15.44 24.06
N ASP B 267 -14.88 -16.58 24.76
CA ASP B 267 -14.44 -17.85 24.18
C ASP B 267 -15.43 -18.40 23.13
N GLU B 268 -16.70 -17.92 23.16
CA GLU B 268 -17.72 -18.29 22.17
C GLU B 268 -17.66 -17.43 20.88
N ARG B 269 -16.73 -16.46 20.81
CA ARG B 269 -16.56 -15.57 19.66
C ARG B 269 -15.66 -16.21 18.62
N PRO B 270 -15.98 -16.07 17.34
CA PRO B 270 -15.13 -16.65 16.30
C PRO B 270 -13.79 -15.96 16.17
N SER B 271 -12.83 -16.64 15.55
CA SER B 271 -11.53 -16.03 15.29
C SER B 271 -11.61 -15.30 13.93
N PHE B 272 -10.67 -14.38 13.65
CA PHE B 272 -10.68 -13.66 12.39
C PHE B 272 -10.49 -14.58 11.15
N PRO B 273 -9.76 -15.74 11.14
CA PRO B 273 -9.76 -16.58 9.93
C PRO B 273 -11.18 -17.02 9.55
N ARG B 274 -11.96 -17.49 10.53
CA ARG B 274 -13.34 -17.93 10.33
C ARG B 274 -14.27 -16.76 9.96
N ILE B 275 -14.04 -15.57 10.54
CA ILE B 275 -14.83 -14.38 10.22
C ILE B 275 -14.60 -13.99 8.74
N LEU B 276 -13.32 -13.91 8.35
CA LEU B 276 -12.89 -13.56 7.00
C LEU B 276 -13.42 -14.55 5.96
N ALA B 277 -13.38 -15.86 6.26
CA ALA B 277 -13.88 -16.86 5.30
C ALA B 277 -15.40 -16.81 5.15
N GLU B 278 -16.12 -16.43 6.22
CA GLU B 278 -17.58 -16.30 6.17
C GLU B 278 -17.94 -15.07 5.34
N ILE B 279 -17.22 -13.95 5.51
CA ILE B 279 -17.45 -12.75 4.73
C ILE B 279 -17.04 -12.96 3.25
N GLU B 280 -15.96 -13.73 3.01
CA GLU B 280 -15.46 -14.06 1.67
C GLU B 280 -16.43 -14.99 0.95
N GLU B 281 -17.05 -15.91 1.68
CA GLU B 281 -18.04 -16.83 1.12
C GLU B 281 -19.32 -16.06 0.77
N LEU B 282 -19.73 -15.15 1.66
CA LEU B 282 -20.91 -14.29 1.52
C LEU B 282 -20.78 -13.31 0.36
N ALA B 283 -19.57 -12.73 0.16
CA ALA B 283 -19.26 -11.79 -0.91
C ALA B 283 -19.41 -12.39 -2.29
N ARG B 284 -19.09 -13.68 -2.43
CA ARG B 284 -19.21 -14.38 -3.71
C ARG B 284 -20.67 -14.68 -4.06
N GLU B 285 -21.53 -14.84 -3.04
CA GLU B 285 -22.94 -15.12 -3.27
C GLU B 285 -23.72 -13.88 -3.74
C4 V5J C . 9.06 -10.03 -5.69
C5 V5J C . 9.04 -9.00 -6.65
C6 V5J C . 7.93 -8.86 -7.49
C7 V5J C . 6.83 -9.71 -7.31
C8 V5J C . 5.63 -9.61 -8.19
C10 V5J C . 3.33 -9.02 -8.54
N12 V5J C . 1.03 -8.40 -8.91
C21 V5J C . 10.26 -6.88 -6.83
C24 V5J C . 12.75 -6.87 -7.05
C26 V5J C . 14.00 -4.85 -6.84
C28 V5J C . 11.61 -4.79 -6.60
C1 V5J C . 5.71 -11.67 -6.11
C11 V5J C . 2.06 -8.41 -8.11
C14 V5J C . 2.21 -9.56 -10.67
C16 V5J C . 3.42 -9.59 -9.82
C18 V5J C . 5.65 -10.16 -9.47
C19 V5J C . -0.12 -8.94 -11.00
C2 V5J C . 6.87 -10.72 -6.34
C23 V5J C . 11.56 -6.17 -6.82
C25 V5J C . 13.96 -6.21 -7.07
C27 V5J C . 12.83 -4.14 -6.59
C29 V5J C . 12.84 -2.64 -6.32
C3 V5J C . 7.98 -10.88 -5.54
C30 V5J C . 12.65 -2.42 -4.82
C31 V5J C . 14.12 -1.94 -6.77
C32 V5J C . 11.70 -2.00 -7.01
C9 V5J C . 4.45 -9.02 -7.72
F34 V5J C . 10.11 -10.16 -4.85
N13 V5J C . 1.09 -8.97 -10.18
N17 V5J C . 4.58 -10.14 -10.24
N20 V5J C . 10.20 -8.22 -6.72
N33 V5J C . 10.84 -1.51 -7.56
O15 V5J C . 2.21 -10.07 -11.78
O22 V5J C . 9.25 -6.22 -6.97
I IOD D . 23.45 -11.19 -4.96
C4 V5J E . 0.83 6.81 13.67
C5 V5J E . -0.43 6.23 13.60
C6 V5J E . -1.43 6.80 12.81
C7 V5J E . -1.11 7.92 12.03
C8 V5J E . -2.14 8.61 11.22
C10 V5J E . -3.12 9.24 9.12
N12 V5J E . -4.15 9.89 7.04
C21 V5J E . -1.22 3.95 14.00
C24 V5J E . -0.84 2.93 16.26
C26 V5J E . -1.40 0.64 16.63
C28 V5J E . -1.76 1.59 14.47
C1 V5J E . 0.56 9.72 11.31
C11 V5J E . -3.26 9.17 7.66
C14 V5J E . -4.98 10.87 9.07
C16 V5J E . -3.99 10.10 9.85
C18 V5J E . -3.03 9.48 11.86
C19 V5J E . -5.99 11.51 6.96
C2 V5J E . 0.18 8.51 12.13
C23 V5J E . -1.28 2.81 14.95
C25 V5J E . -0.90 1.85 17.11
C27 V5J E . -1.84 0.52 15.31
C29 V5J E . -2.35 -0.80 14.76
C3 V5J E . 1.15 7.93 12.91
C30 V5J E . -1.16 -1.53 14.12
C31 V5J E . -3.00 -1.67 15.84
C32 V5J E . -3.34 -0.53 13.70
C9 V5J E . -2.19 8.49 9.82
F34 V5J E . 1.80 6.22 14.41
N13 V5J E . -5.02 10.74 7.73
N17 V5J E . -3.92 10.16 11.18
N20 V5J E . -0.62 5.09 14.39
N33 V5J E . -4.10 -0.33 12.88
O15 V5J E . -5.74 11.64 9.64
O22 V5J E . -1.74 3.80 12.92
#